data_9KSX
#
_entry.id   9KSX
#
_cell.length_a   79.775
_cell.length_b   117.950
_cell.length_c   47.088
_cell.angle_alpha   90.00
_cell.angle_beta   90.00
_cell.angle_gamma   90.00
#
_symmetry.space_group_name_H-M   'P 21 21 2'
#
loop_
_entity.id
_entity.type
_entity.pdbx_description
1 polymer 'UDP-glycosyltransferase 79B30-like'
2 non-polymer 'Quercetin 3-O-xyloside'
3 non-polymer "URIDINE-5'-DIPHOSPHATE"
4 water water
#
_entity_poly.entity_id   1
_entity_poly.type   'polypeptide(L)'
_entity_poly.pdbx_seq_one_letter_code
;SSLHIAMFPWFAMGHLIPYLHLSNKLAKRGHKISFFTPKKTQTKLEQFNLYPNLITFYPLNVPHVDGLPFGAETTSDVAI
SLGPILMTAMDQTQNQIELLLTQLKPQIIFFDFVFWLPKITQRLGIKSFLYFIINPATISYTTSPPRMFEAENLTEVDLM
KPPKGYPTSFNLQSHEAKHLASTRKIEFGSGIPFSVRSYNCLSLTDAIGFKGCREIEGPYVDYLQEQFGKPVLLSGPVLP
EQSKTALDEKWGSWLGGFKDGSLVYCALGSELKLKQDQFHELLLGLELTGFPFLAILKPPVGFETIEDALPEGFKERVKE
KGIVHSGWIQQQLILEHPSVGCFVTHCGAGSITEGLVNNCQMVLLPQLNGDYIINARIMGRHLKVGVEVKKGEEDGLFTK
ESVYEAVKIVMDDENEIGREVRSNHTKVRNLLLRHDLESSCLDTFCEKLQELVS
;
_entity_poly.pdbx_strand_id   A
#
# COMPACT_ATOMS: atom_id res chain seq x y z
N SER A 1 16.30 26.08 6.84
CA SER A 1 16.95 25.79 5.57
C SER A 1 16.35 24.58 4.86
N SER A 2 16.52 24.52 3.54
CA SER A 2 15.96 23.42 2.77
C SER A 2 16.88 22.21 2.82
N LEU A 3 16.28 21.03 2.85
CA LEU A 3 17.00 19.77 2.95
C LEU A 3 17.15 19.17 1.57
N HIS A 4 18.24 18.42 1.38
CA HIS A 4 18.40 17.60 0.20
C HIS A 4 18.13 16.15 0.61
N ILE A 5 17.03 15.60 0.12
CA ILE A 5 16.59 14.26 0.49
C ILE A 5 16.65 13.38 -0.75
N ALA A 6 17.27 12.23 -0.61
CA ALA A 6 17.23 11.20 -1.63
C ALA A 6 16.13 10.24 -1.26
N MET A 7 15.46 9.73 -2.29
CA MET A 7 14.36 8.79 -2.13
C MET A 7 14.73 7.48 -2.80
N PHE A 8 14.69 6.39 -2.04
CA PHE A 8 15.03 5.07 -2.54
C PHE A 8 13.93 4.10 -2.13
N PRO A 9 12.74 4.21 -2.72
CA PRO A 9 11.67 3.27 -2.42
C PRO A 9 11.87 1.92 -3.08
N TRP A 10 11.23 0.93 -2.48
CA TRP A 10 11.15 -0.40 -3.07
C TRP A 10 10.52 -0.34 -4.44
N PHE A 11 10.87 -1.32 -5.28
CA PHE A 11 10.51 -1.36 -6.70
C PHE A 11 9.08 -1.88 -6.86
N ALA A 12 8.13 -1.04 -6.42
CA ALA A 12 6.73 -1.41 -6.41
C ALA A 12 5.94 -0.13 -6.58
N MET A 13 4.87 -0.19 -7.37
CA MET A 13 4.09 1.01 -7.63
C MET A 13 3.50 1.56 -6.33
N GLY A 14 3.13 0.67 -5.42
CA GLY A 14 2.57 1.06 -4.15
C GLY A 14 3.55 1.75 -3.23
N HIS A 15 4.84 1.72 -3.56
CA HIS A 15 5.85 2.46 -2.83
C HIS A 15 6.30 3.68 -3.61
N LEU A 16 6.54 3.50 -4.92
CA LEU A 16 6.95 4.62 -5.75
C LEU A 16 5.92 5.75 -5.72
N ILE A 17 4.63 5.42 -5.77
CA ILE A 17 3.59 6.44 -5.87
C ILE A 17 3.50 7.28 -4.59
N PRO A 18 3.35 6.70 -3.39
CA PRO A 18 3.32 7.56 -2.19
C PRO A 18 4.64 8.24 -1.91
N TYR A 19 5.78 7.62 -2.23
CA TYR A 19 7.05 8.34 -2.10
C TYR A 19 7.06 9.57 -2.99
N LEU A 20 6.45 9.48 -4.18
CA LEU A 20 6.38 10.64 -5.06
C LEU A 20 5.37 11.65 -4.55
N HIS A 21 4.21 11.20 -4.08
CA HIS A 21 3.27 12.12 -3.43
C HIS A 21 3.98 12.93 -2.36
N LEU A 22 4.74 12.27 -1.50
CA LEU A 22 5.41 12.97 -0.41
C LEU A 22 6.52 13.85 -0.92
N SER A 23 7.27 13.37 -1.93
CA SER A 23 8.30 14.19 -2.57
C SER A 23 7.71 15.52 -3.04
N ASN A 24 6.53 15.47 -3.64
CA ASN A 24 5.91 16.72 -4.09
C ASN A 24 5.61 17.64 -2.91
N LYS A 25 5.15 17.08 -1.80
CA LYS A 25 4.85 17.92 -0.64
C LYS A 25 6.11 18.53 -0.06
N LEU A 26 7.20 17.77 -0.08
CA LEU A 26 8.46 18.28 0.42
C LEU A 26 9.04 19.33 -0.50
N ALA A 27 8.95 19.11 -1.83
CA ALA A 27 9.43 20.10 -2.78
C ALA A 27 8.62 21.37 -2.71
N LYS A 28 7.33 21.28 -2.37
CA LYS A 28 6.53 22.48 -2.20
C LYS A 28 7.05 23.32 -1.03
N ARG A 29 7.72 22.69 -0.07
CA ARG A 29 8.32 23.39 1.05
C ARG A 29 9.77 23.77 0.77
N GLY A 30 10.22 23.63 -0.48
CA GLY A 30 11.53 24.05 -0.88
C GLY A 30 12.62 22.99 -0.81
N HIS A 31 12.30 21.78 -0.36
CA HIS A 31 13.31 20.74 -0.22
C HIS A 31 13.63 20.14 -1.57
N LYS A 32 14.90 19.81 -1.77
CA LYS A 32 15.36 19.24 -3.02
C LYS A 32 15.33 17.72 -2.89
N ILE A 33 14.78 17.06 -3.90
CA ILE A 33 14.55 15.62 -3.85
C ILE A 33 15.31 14.96 -4.99
N SER A 34 16.18 14.01 -4.64
CA SER A 34 16.82 13.13 -5.61
C SER A 34 16.10 11.79 -5.55
N PHE A 35 15.30 11.51 -6.58
CA PHE A 35 14.39 10.38 -6.54
C PHE A 35 14.97 9.25 -7.37
N PHE A 36 15.38 8.17 -6.70
CA PHE A 36 15.97 7.02 -7.38
C PHE A 36 14.86 6.10 -7.85
N THR A 37 14.91 5.74 -9.12
CA THR A 37 13.81 4.95 -9.68
C THR A 37 14.39 4.00 -10.70
N PRO A 38 13.86 2.79 -10.82
CA PRO A 38 14.26 1.94 -11.94
C PRO A 38 14.09 2.68 -13.27
N LYS A 39 15.03 2.44 -14.18
CA LYS A 39 15.19 3.28 -15.37
C LYS A 39 13.90 3.38 -16.19
N LYS A 40 13.38 2.24 -16.67
CA LYS A 40 12.22 2.29 -17.54
C LYS A 40 10.98 2.82 -16.80
N THR A 41 10.90 2.57 -15.50
CA THR A 41 9.77 3.02 -14.71
C THR A 41 9.68 4.54 -14.64
N GLN A 42 10.81 5.24 -14.76
CA GLN A 42 10.77 6.69 -14.66
C GLN A 42 9.71 7.31 -15.57
N THR A 43 9.56 6.78 -16.79
CA THR A 43 8.62 7.40 -17.75
C THR A 43 7.20 7.43 -17.20
N LYS A 44 6.79 6.37 -16.50
CA LYS A 44 5.47 6.34 -15.90
C LYS A 44 5.39 7.14 -14.60
N LEU A 45 6.51 7.62 -14.08
CA LEU A 45 6.47 8.43 -12.86
C LEU A 45 6.46 9.92 -13.15
N GLU A 46 6.82 10.34 -14.37
CA GLU A 46 6.90 11.76 -14.66
C GLU A 46 5.58 12.48 -14.46
N GLN A 47 4.45 11.80 -14.72
CA GLN A 47 3.13 12.42 -14.57
C GLN A 47 2.92 12.98 -13.17
N PHE A 48 3.60 12.42 -12.18
CA PHE A 48 3.40 12.84 -10.81
C PHE A 48 4.43 13.85 -10.33
N ASN A 49 5.48 14.10 -11.11
CA ASN A 49 6.47 15.08 -10.68
C ASN A 49 5.92 16.48 -10.91
N LEU A 50 5.43 17.09 -9.84
CA LEU A 50 4.85 18.42 -9.92
C LEU A 50 5.86 19.52 -9.69
N TYR A 51 7.11 19.18 -9.38
CA TYR A 51 8.17 20.17 -9.13
C TYR A 51 9.46 19.72 -9.80
N PRO A 52 9.49 19.69 -11.13
CA PRO A 52 10.65 19.12 -11.84
C PRO A 52 11.95 19.85 -11.57
N ASN A 53 11.91 21.10 -11.13
CA ASN A 53 13.14 21.83 -10.81
C ASN A 53 13.70 21.45 -9.46
N LEU A 54 12.91 20.77 -8.61
CA LEU A 54 13.36 20.34 -7.29
C LEU A 54 13.40 18.85 -7.14
N ILE A 55 12.59 18.13 -7.90
CA ILE A 55 12.56 16.67 -7.86
C ILE A 55 13.20 16.18 -9.14
N THR A 56 14.34 15.53 -9.00
CA THR A 56 15.08 14.97 -10.12
C THR A 56 15.09 13.45 -10.00
N PHE A 57 14.72 12.77 -11.08
CA PHE A 57 14.82 11.33 -11.14
C PHE A 57 16.24 10.91 -11.51
N TYR A 58 16.73 9.89 -10.82
CA TYR A 58 18.01 9.26 -11.11
C TYR A 58 17.76 7.80 -11.41
N PRO A 59 18.02 7.34 -12.64
CA PRO A 59 17.68 5.97 -13.00
C PRO A 59 18.60 4.95 -12.36
N LEU A 60 18.00 3.82 -11.97
CA LEU A 60 18.74 2.65 -11.54
C LEU A 60 18.56 1.57 -12.60
N ASN A 61 19.64 0.86 -12.89
CA ASN A 61 19.57 -0.34 -13.71
C ASN A 61 19.30 -1.52 -12.77
N VAL A 62 18.13 -2.11 -12.89
CA VAL A 62 17.76 -3.22 -12.02
C VAL A 62 18.56 -4.43 -12.50
N PRO A 63 19.52 -4.91 -11.72
CA PRO A 63 20.45 -5.91 -12.24
C PRO A 63 19.78 -7.27 -12.42
N HIS A 64 20.40 -8.05 -13.30
CA HIS A 64 19.95 -9.43 -13.49
C HIS A 64 20.17 -10.23 -12.21
N VAL A 65 19.16 -10.99 -11.84
CA VAL A 65 19.26 -12.06 -10.87
C VAL A 65 18.63 -13.27 -11.52
N ASP A 66 19.25 -14.44 -11.34
CA ASP A 66 18.72 -15.62 -12.00
C ASP A 66 17.30 -15.87 -11.52
N GLY A 67 16.37 -16.02 -12.47
CA GLY A 67 14.97 -16.16 -12.19
C GLY A 67 14.18 -14.90 -12.42
N LEU A 68 14.82 -13.74 -12.40
CA LEU A 68 14.12 -12.48 -12.65
C LEU A 68 13.82 -12.36 -14.14
N PRO A 69 12.55 -12.19 -14.52
CA PRO A 69 12.25 -12.05 -15.95
C PRO A 69 12.90 -10.83 -16.56
N PHE A 70 13.20 -10.94 -17.85
CA PHE A 70 14.03 -9.93 -18.50
C PHE A 70 13.36 -8.57 -18.49
N GLY A 71 14.11 -7.56 -18.07
CA GLY A 71 13.65 -6.20 -18.08
C GLY A 71 12.78 -5.80 -16.91
N ALA A 72 12.47 -6.75 -16.03
CA ALA A 72 11.57 -6.48 -14.92
C ALA A 72 12.17 -5.41 -14.00
N GLU A 73 11.33 -4.47 -13.60
CA GLU A 73 11.77 -3.42 -12.69
C GLU A 73 10.94 -3.31 -11.43
N THR A 74 9.66 -3.67 -11.46
CA THR A 74 8.70 -3.38 -10.42
C THR A 74 7.96 -4.68 -10.09
N THR A 75 7.37 -4.75 -8.90
CA THR A 75 6.54 -5.91 -8.60
C THR A 75 5.32 -6.00 -9.52
N SER A 76 4.98 -4.93 -10.23
CA SER A 76 3.92 -5.00 -11.23
C SER A 76 4.37 -5.72 -12.49
N ASP A 77 5.67 -6.01 -12.63
CA ASP A 77 6.21 -6.71 -13.79
C ASP A 77 6.41 -8.20 -13.55
N VAL A 78 6.32 -8.67 -12.30
CA VAL A 78 6.62 -10.06 -11.99
C VAL A 78 5.48 -10.64 -11.17
N ALA A 79 5.31 -11.95 -11.28
CA ALA A 79 4.44 -12.67 -10.36
C ALA A 79 4.88 -12.42 -8.93
N ILE A 80 3.90 -12.49 -8.01
CA ILE A 80 4.16 -12.17 -6.60
C ILE A 80 5.28 -13.03 -6.06
N SER A 81 5.32 -14.30 -6.47
CA SER A 81 6.32 -15.26 -5.99
C SER A 81 7.74 -14.87 -6.40
N LEU A 82 7.90 -13.93 -7.32
CA LEU A 82 9.20 -13.49 -7.78
C LEU A 82 9.68 -12.24 -7.07
N GLY A 83 8.85 -11.66 -6.19
CA GLY A 83 9.27 -10.52 -5.40
C GLY A 83 10.60 -10.68 -4.68
N PRO A 84 10.85 -11.83 -4.05
CA PRO A 84 12.16 -12.01 -3.41
C PRO A 84 13.32 -11.91 -4.37
N ILE A 85 13.15 -12.36 -5.61
CA ILE A 85 14.24 -12.21 -6.57
C ILE A 85 14.44 -10.75 -6.95
N LEU A 86 13.33 -10.01 -7.10
CA LEU A 86 13.44 -8.58 -7.33
C LEU A 86 14.10 -7.90 -6.15
N MET A 87 13.88 -8.41 -4.94
CA MET A 87 14.57 -7.81 -3.79
C MET A 87 16.07 -8.08 -3.87
N THR A 88 16.48 -9.27 -4.31
CA THR A 88 17.90 -9.49 -4.55
C THR A 88 18.43 -8.46 -5.54
N ALA A 89 17.65 -8.16 -6.58
CA ALA A 89 18.05 -7.15 -7.55
C ALA A 89 18.20 -5.77 -6.91
N MET A 90 17.25 -5.39 -6.04
CA MET A 90 17.42 -4.15 -5.28
C MET A 90 18.70 -4.17 -4.47
N ASP A 91 18.95 -5.28 -3.76
CA ASP A 91 20.19 -5.40 -3.00
C ASP A 91 21.39 -5.15 -3.91
N GLN A 92 21.32 -5.66 -5.13
CA GLN A 92 22.45 -5.60 -6.05
C GLN A 92 22.63 -4.22 -6.68
N THR A 93 21.73 -3.27 -6.42
CA THR A 93 21.95 -1.90 -6.85
C THR A 93 22.91 -1.14 -5.94
N GLN A 94 23.46 -1.80 -4.93
CA GLN A 94 24.28 -1.11 -3.94
C GLN A 94 25.41 -0.32 -4.57
N ASN A 95 26.08 -0.88 -5.58
CA ASN A 95 27.20 -0.16 -6.18
C ASN A 95 26.74 1.11 -6.86
N GLN A 96 25.60 1.06 -7.55
CA GLN A 96 25.16 2.29 -8.19
C GLN A 96 24.47 3.24 -7.19
N ILE A 97 23.97 2.73 -6.06
CA ILE A 97 23.50 3.63 -5.01
C ILE A 97 24.67 4.32 -4.34
N GLU A 98 25.77 3.59 -4.10
CA GLU A 98 26.94 4.19 -3.48
C GLU A 98 27.43 5.37 -4.33
N LEU A 99 27.51 5.16 -5.64
CA LEU A 99 27.99 6.19 -6.53
C LEU A 99 27.04 7.39 -6.53
N LEU A 100 25.74 7.11 -6.45
CA LEU A 100 24.76 8.18 -6.51
C LEU A 100 24.81 9.02 -5.23
N LEU A 101 25.00 8.38 -4.08
CA LEU A 101 25.10 9.12 -2.82
C LEU A 101 26.38 9.93 -2.77
N THR A 102 27.49 9.37 -3.25
CA THR A 102 28.75 10.13 -3.23
C THR A 102 28.69 11.34 -4.16
N GLN A 103 28.00 11.24 -5.29
CA GLN A 103 28.00 12.42 -6.14
C GLN A 103 26.91 13.42 -5.79
N LEU A 104 25.78 12.95 -5.25
CA LEU A 104 24.67 13.85 -4.97
C LEU A 104 24.74 14.43 -3.55
N LYS A 105 25.34 13.69 -2.63
CA LYS A 105 25.49 14.09 -1.24
C LYS A 105 24.20 14.62 -0.60
N PRO A 106 23.15 13.81 -0.55
CA PRO A 106 21.94 14.26 0.15
C PRO A 106 22.22 14.26 1.64
N GLN A 107 21.41 15.02 2.38
CA GLN A 107 21.54 15.00 3.84
C GLN A 107 20.87 13.78 4.45
N ILE A 108 19.81 13.31 3.81
CA ILE A 108 19.00 12.20 4.30
C ILE A 108 18.67 11.34 3.08
N ILE A 109 18.56 10.03 3.30
CA ILE A 109 17.98 9.16 2.29
C ILE A 109 16.83 8.39 2.91
N PHE A 110 15.67 8.49 2.28
CA PHE A 110 14.50 7.70 2.62
C PHE A 110 14.61 6.39 1.88
N PHE A 111 14.39 5.26 2.57
CA PHE A 111 14.55 3.99 1.86
C PHE A 111 13.59 2.94 2.38
N ASP A 112 13.43 1.91 1.56
CA ASP A 112 12.82 0.64 1.94
C ASP A 112 13.83 -0.48 1.92
N PHE A 113 13.67 -1.44 2.85
CA PHE A 113 14.20 -2.79 2.74
C PHE A 113 15.72 -3.00 2.77
N VAL A 114 16.52 -2.03 2.31
CA VAL A 114 17.96 -2.29 2.03
C VAL A 114 18.74 -1.97 3.31
N PHE A 115 18.87 -2.98 4.18
CA PHE A 115 19.44 -2.76 5.50
C PHE A 115 20.96 -2.58 5.46
N LEU A 117 22.18 -0.24 3.69
CA LEU A 117 22.30 1.17 3.34
C LEU A 117 22.80 2.02 4.51
N PRO A 118 22.27 1.83 5.73
CA PRO A 118 22.74 2.70 6.85
C PRO A 118 24.24 2.62 7.11
N LYS A 119 24.88 1.48 6.82
CA LYS A 119 26.33 1.43 6.93
C LYS A 119 26.98 2.36 5.91
N ILE A 120 26.46 2.39 4.69
CA ILE A 120 26.99 3.27 3.65
C ILE A 120 26.77 4.72 4.00
N THR A 121 25.54 5.08 4.40
CA THR A 121 25.24 6.47 4.63
C THR A 121 26.05 7.04 5.79
N GLN A 122 26.20 6.27 6.87
CA GLN A 122 26.94 6.82 7.99
C GLN A 122 28.41 7.02 7.63
N ARG A 123 28.97 6.16 6.78
CA ARG A 123 30.31 6.41 6.22
C ARG A 123 30.35 7.75 5.46
N LEU A 124 29.27 8.09 4.77
CA LEU A 124 29.20 9.29 3.95
C LEU A 124 28.67 10.50 4.70
N GLY A 125 28.32 10.34 5.98
CA GLY A 125 27.75 11.45 6.70
C GLY A 125 26.33 11.77 6.31
N ILE A 126 25.61 10.78 5.77
CA ILE A 126 24.21 10.90 5.39
C ILE A 126 23.36 10.22 6.45
N LYS A 127 22.21 10.79 6.77
CA LYS A 127 21.29 10.15 7.71
C LYS A 127 20.40 9.18 6.96
N SER A 128 20.23 7.98 7.51
CA SER A 128 19.35 6.97 6.92
C SER A 128 17.97 7.07 7.54
N PHE A 129 16.94 7.02 6.69
CA PHE A 129 15.56 7.19 7.14
C PHE A 129 14.72 6.09 6.52
N LEU A 130 14.39 5.09 7.31
CA LEU A 130 13.58 3.99 6.84
C LEU A 130 12.13 4.49 6.78
N TYR A 131 11.60 4.69 5.59
CA TYR A 131 10.31 5.35 5.43
C TYR A 131 9.30 4.34 4.91
N PHE A 132 8.36 3.96 5.78
CA PHE A 132 7.34 2.98 5.44
C PHE A 132 6.08 3.66 4.93
N ILE A 133 5.53 3.14 3.84
CA ILE A 133 4.20 3.56 3.40
C ILE A 133 3.14 2.53 3.73
N ILE A 134 3.50 1.49 4.48
CA ILE A 134 2.53 0.57 5.04
C ILE A 134 2.21 1.03 6.45
N ASN A 135 1.27 0.37 7.07
CA ASN A 135 0.75 0.79 8.35
C ASN A 135 1.75 0.47 9.46
N PRO A 136 2.06 1.40 10.35
CA PRO A 136 2.93 1.03 11.49
C PRO A 136 2.29 0.00 12.36
N ALA A 137 0.97 -0.22 12.24
CA ALA A 137 0.34 -1.29 13.00
C ALA A 137 0.84 -2.63 12.53
N THR A 138 1.15 -2.74 11.25
CA THR A 138 1.65 -3.99 10.69
C THR A 138 3.06 -4.29 11.14
N ILE A 139 3.97 -3.31 10.97
CA ILE A 139 5.33 -3.48 11.43
C ILE A 139 5.37 -3.77 12.93
N SER A 140 4.58 -3.02 13.71
CA SER A 140 4.52 -3.27 15.16
C SER A 140 4.05 -4.68 15.48
N TYR A 141 3.12 -5.19 14.70
CA TYR A 141 2.55 -6.49 15.03
C TYR A 141 3.50 -7.62 14.70
N THR A 142 4.31 -7.49 13.65
CA THR A 142 5.08 -8.61 13.15
C THR A 142 6.57 -8.49 13.35
N THR A 143 7.08 -7.27 13.55
CA THR A 143 8.52 -7.03 13.42
C THR A 143 9.05 -6.27 14.61
N SER A 144 8.25 -6.13 15.67
CA SER A 144 8.77 -5.53 16.88
C SER A 144 9.70 -6.54 17.55
N PRO A 145 10.59 -6.06 18.41
CA PRO A 145 11.60 -6.95 19.01
C PRO A 145 11.00 -8.19 19.64
N PRO A 146 9.89 -8.10 20.39
CA PRO A 146 9.37 -9.33 21.01
C PRO A 146 9.05 -10.41 20.01
N ARG A 147 8.71 -10.05 18.77
CA ARG A 147 8.48 -11.07 17.76
C ARG A 147 9.78 -11.70 17.29
N MET A 148 10.82 -10.88 17.11
CA MET A 148 12.05 -11.40 16.53
C MET A 148 12.83 -12.26 17.50
N PHE A 149 12.73 -11.98 18.80
CA PHE A 149 13.48 -12.75 19.77
C PHE A 149 12.93 -14.17 19.93
N GLU A 150 11.67 -14.39 19.53
CA GLU A 150 11.20 -15.76 19.48
C GLU A 150 11.81 -16.54 18.31
N ALA A 151 12.42 -15.85 17.35
CA ALA A 151 13.18 -16.49 16.27
C ALA A 151 12.23 -17.48 15.58
N GLU A 152 12.62 -18.72 15.36
CA GLU A 152 11.76 -19.69 14.68
C GLU A 152 10.84 -20.42 15.64
N ASN A 153 10.82 -20.04 16.91
CA ASN A 153 9.84 -20.50 17.88
C ASN A 153 8.57 -19.65 17.86
N LEU A 154 8.44 -18.72 16.92
CA LEU A 154 7.24 -17.91 16.77
C LEU A 154 6.23 -18.73 15.98
N THR A 155 5.12 -19.09 16.63
CA THR A 155 4.11 -19.97 16.06
C THR A 155 2.91 -19.18 15.59
N GLU A 156 2.06 -19.86 14.81
CA GLU A 156 0.79 -19.25 14.42
C GLU A 156 -0.01 -18.86 15.65
N VAL A 157 0.07 -19.66 16.72
CA VAL A 157 -0.67 -19.30 17.92
C VAL A 157 -0.06 -18.07 18.56
N ASP A 158 1.27 -17.93 18.51
CA ASP A 158 1.91 -16.71 18.97
C ASP A 158 1.39 -15.51 18.20
N LEU A 159 1.21 -15.67 16.90
CA LEU A 159 0.81 -14.54 16.06
C LEU A 159 -0.67 -14.27 16.13
N MET A 160 -1.45 -15.13 16.78
CA MET A 160 -2.84 -14.82 17.04
C MET A 160 -2.99 -13.77 18.13
N LYS A 161 -1.93 -13.50 18.88
CA LYS A 161 -2.04 -12.43 19.84
C LYS A 161 -1.02 -11.35 19.52
N PRO A 162 -1.27 -10.10 19.93
CA PRO A 162 -0.32 -9.04 19.65
C PRO A 162 0.97 -9.23 20.43
N PRO A 163 2.09 -8.72 19.94
CA PRO A 163 3.32 -8.73 20.74
C PRO A 163 3.15 -7.93 22.04
N LYS A 164 4.01 -8.25 23.02
CA LYS A 164 3.91 -7.59 24.31
C LYS A 164 3.98 -6.07 24.18
N GLY A 165 3.01 -5.38 24.80
CA GLY A 165 2.95 -3.95 24.79
C GLY A 165 2.21 -3.34 23.61
N TYR A 166 1.79 -4.14 22.64
CA TYR A 166 1.07 -3.65 21.49
C TYR A 166 -0.13 -2.82 21.93
N PRO A 167 -0.39 -1.67 21.30
CA PRO A 167 -1.34 -0.71 21.87
C PRO A 167 -2.80 -1.01 21.62
N THR A 168 -3.15 -1.88 20.67
CA THR A 168 -4.56 -2.09 20.35
C THR A 168 -4.84 -3.57 20.26
N SER A 169 -6.11 -3.90 20.08
CA SER A 169 -6.58 -5.27 20.02
C SER A 169 -7.34 -5.48 18.71
N PHE A 170 -7.01 -6.56 18.00
CA PHE A 170 -7.84 -7.03 16.91
C PHE A 170 -7.58 -8.52 16.72
N ASN A 171 -8.50 -9.17 16.02
CA ASN A 171 -8.50 -10.61 15.90
C ASN A 171 -8.03 -11.00 14.51
N LEU A 172 -7.13 -11.95 14.45
CA LEU A 172 -6.76 -12.59 13.21
C LEU A 172 -7.43 -13.94 13.12
N GLN A 173 -7.77 -14.33 11.90
CA GLN A 173 -8.23 -15.69 11.69
C GLN A 173 -7.06 -16.65 11.64
N SER A 174 -7.34 -17.94 11.90
CA SER A 174 -6.28 -18.94 11.89
C SER A 174 -5.44 -18.90 10.63
N HIS A 175 -6.08 -18.86 9.46
CA HIS A 175 -5.30 -18.93 8.24
C HIS A 175 -4.40 -17.70 8.08
N GLU A 176 -4.80 -16.57 8.65
CA GLU A 176 -3.98 -15.37 8.61
C GLU A 176 -2.77 -15.50 9.53
N ALA A 177 -2.98 -15.97 10.74
CA ALA A 177 -1.87 -16.20 11.64
C ALA A 177 -0.93 -17.25 11.06
N LYS A 178 -1.49 -18.27 10.41
CA LYS A 178 -0.65 -19.27 9.73
C LYS A 178 0.18 -18.61 8.65
N HIS A 179 -0.46 -17.76 7.84
CA HIS A 179 0.26 -17.02 6.82
C HIS A 179 1.41 -16.22 7.41
N LEU A 180 1.13 -15.43 8.43
CA LEU A 180 2.17 -14.61 9.05
C LEU A 180 3.29 -15.46 9.63
N ALA A 181 2.96 -16.60 10.23
CA ALA A 181 4.01 -17.43 10.85
C ALA A 181 4.94 -18.04 9.82
N SER A 182 4.43 -18.39 8.65
CA SER A 182 5.29 -19.04 7.66
C SER A 182 6.00 -18.03 6.76
N THR A 183 5.28 -17.03 6.24
CA THR A 183 5.90 -16.18 5.23
C THR A 183 7.00 -15.31 5.84
N ARG A 184 6.86 -15.01 7.12
CA ARG A 184 7.87 -14.33 7.91
C ARG A 184 9.26 -14.93 7.75
N LYS A 185 9.35 -16.24 7.60
CA LYS A 185 10.61 -16.97 7.55
C LYS A 185 11.15 -17.10 6.13
N ILE A 186 10.30 -16.88 5.13
CA ILE A 186 10.70 -17.09 3.75
C ILE A 186 11.68 -16.01 3.31
N GLU A 187 12.75 -16.43 2.65
CA GLU A 187 13.73 -15.50 2.14
C GLU A 187 13.10 -14.44 1.25
N PHE A 188 13.47 -13.18 1.47
CA PHE A 188 13.02 -12.06 0.64
C PHE A 188 14.27 -11.30 0.23
N GLY A 189 14.97 -11.82 -0.78
CA GLY A 189 16.17 -11.17 -1.27
C GLY A 189 17.45 -11.58 -0.57
N SER A 190 18.44 -12.02 -1.36
CA SER A 190 19.80 -12.25 -0.88
C SER A 190 19.85 -13.14 0.36
N GLY A 191 18.97 -14.14 0.40
CA GLY A 191 19.02 -15.13 1.46
C GLY A 191 18.54 -14.64 2.81
N ILE A 192 17.85 -13.52 2.88
CA ILE A 192 17.45 -12.90 4.13
C ILE A 192 15.97 -13.18 4.37
N PRO A 193 15.60 -13.84 5.47
CA PRO A 193 14.16 -14.02 5.76
C PRO A 193 13.44 -12.67 5.81
N PHE A 194 12.18 -12.68 5.36
CA PHE A 194 11.43 -11.45 5.17
C PHE A 194 11.40 -10.57 6.43
N SER A 195 10.99 -11.12 7.56
CA SER A 195 10.89 -10.28 8.74
C SER A 195 12.26 -9.89 9.28
N VAL A 196 13.27 -10.75 9.12
CA VAL A 196 14.62 -10.38 9.53
C VAL A 196 15.11 -9.17 8.74
N ARG A 197 14.85 -9.14 7.43
CA ARG A 197 15.22 -8.00 6.61
C ARG A 197 14.66 -6.71 7.19
N SER A 198 13.36 -6.67 7.44
CA SER A 198 12.77 -5.43 7.93
C SER A 198 13.27 -5.10 9.32
N TYR A 199 13.46 -6.12 10.15
CA TYR A 199 14.00 -5.91 11.49
C TYR A 199 15.41 -5.33 11.44
N ASN A 200 16.24 -5.85 10.53
CA ASN A 200 17.56 -5.26 10.30
C ASN A 200 17.45 -3.78 9.93
N CYS A 201 16.50 -3.43 9.06
CA CYS A 201 16.35 -2.03 8.67
C CYS A 201 15.94 -1.17 9.86
N LEU A 202 14.98 -1.66 10.64
CA LEU A 202 14.54 -0.93 11.81
C LEU A 202 15.69 -0.74 12.79
N SER A 203 16.49 -1.79 12.94
CA SER A 203 17.58 -1.78 13.92
C SER A 203 18.72 -0.88 13.50
N LEU A 204 19.04 -0.87 12.21
CA LEU A 204 20.26 -0.22 11.76
C LEU A 204 20.06 1.22 11.29
N THR A 205 18.84 1.58 10.94
CA THR A 205 18.59 2.92 10.46
C THR A 205 18.76 3.97 11.57
N ASP A 206 19.06 5.20 11.16
CA ASP A 206 19.16 6.31 12.09
C ASP A 206 17.78 6.67 12.63
N ALA A 207 16.79 6.75 11.76
CA ALA A 207 15.45 7.06 12.21
C ALA A 207 14.47 6.36 11.28
N ILE A 208 13.23 6.31 11.71
CA ILE A 208 12.15 5.62 11.02
C ILE A 208 11.04 6.61 10.78
N GLY A 209 10.31 6.45 9.67
CA GLY A 209 9.11 7.22 9.44
C GLY A 209 8.03 6.36 8.83
N PHE A 210 6.80 6.80 9.04
CA PHE A 210 5.62 6.16 8.48
C PHE A 210 4.72 7.19 7.86
N LYS A 211 4.09 6.79 6.77
CA LYS A 211 2.87 7.41 6.32
C LYS A 211 1.83 7.34 7.43
N GLY A 212 1.15 8.46 7.68
CA GLY A 212 0.12 8.44 8.71
C GLY A 212 0.04 9.69 9.53
N CYS A 213 -0.96 9.76 10.42
CA CYS A 213 -1.13 10.91 11.29
C CYS A 213 -1.27 10.42 12.72
N ARG A 214 -1.09 11.32 13.69
CA ARG A 214 -1.19 10.93 15.09
C ARG A 214 -2.54 10.30 15.40
N GLU A 215 -3.61 10.81 14.78
CA GLU A 215 -4.95 10.41 15.17
C GLU A 215 -5.21 8.92 14.91
N ILE A 216 -4.56 8.35 13.92
CA ILE A 216 -4.79 6.97 13.53
C ILE A 216 -3.57 6.11 13.82
N GLU A 217 -2.41 6.53 13.32
CA GLU A 217 -1.17 5.78 13.43
C GLU A 217 -0.42 6.04 14.72
N GLY A 218 -0.79 7.09 15.46
CA GLY A 218 -0.09 7.50 16.66
C GLY A 218 0.32 6.38 17.61
N PRO A 219 -0.64 5.55 18.05
CA PRO A 219 -0.28 4.52 19.04
C PRO A 219 0.79 3.57 18.56
N TYR A 220 0.84 3.28 17.25
CA TYR A 220 1.80 2.31 16.75
C TYR A 220 3.18 2.93 16.58
N VAL A 221 3.22 4.19 16.15
CA VAL A 221 4.49 4.92 16.07
C VAL A 221 5.08 5.10 17.46
N ASP A 222 4.23 5.38 18.45
CA ASP A 222 4.70 5.48 19.84
C ASP A 222 5.25 4.15 20.32
N TYR A 223 4.52 3.07 20.06
CA TYR A 223 5.02 1.75 20.44
C TYR A 223 6.36 1.47 19.78
N LEU A 224 6.47 1.73 18.47
CA LEU A 224 7.74 1.47 17.80
C LEU A 224 8.85 2.37 18.31
N GLN A 225 8.53 3.62 18.66
CA GLN A 225 9.57 4.49 19.19
C GLN A 225 10.06 4.00 20.53
N GLU A 226 9.16 3.51 21.38
CA GLU A 226 9.57 2.94 22.65
C GLU A 226 10.38 1.66 22.44
N GLN A 227 10.00 0.85 21.44
CA GLN A 227 10.66 -0.44 21.24
C GLN A 227 12.05 -0.27 20.66
N PHE A 228 12.20 0.58 19.65
CA PHE A 228 13.48 0.71 18.94
C PHE A 228 14.30 1.91 19.39
N GLY A 229 13.75 2.75 20.27
CA GLY A 229 14.52 3.79 20.93
C GLY A 229 15.12 4.83 20.01
N LYS A 230 14.53 5.04 18.85
CA LYS A 230 14.97 6.06 17.92
C LYS A 230 13.71 6.75 17.39
N PRO A 231 13.84 7.91 16.75
CA PRO A 231 12.63 8.61 16.34
C PRO A 231 11.86 7.80 15.31
N VAL A 232 10.55 7.77 15.52
CA VAL A 232 9.63 7.19 14.55
C VAL A 232 8.71 8.32 14.18
N LEU A 233 8.91 8.89 13.00
CA LEU A 233 8.19 10.07 12.57
C LEU A 233 6.94 9.68 11.77
N LEU A 234 6.06 10.66 11.63
CA LEU A 234 4.86 10.55 10.82
C LEU A 234 4.95 11.62 9.73
N SER A 235 4.84 11.21 8.47
CA SER A 235 4.86 12.17 7.36
C SER A 235 3.56 12.91 7.18
N GLY A 236 2.51 12.54 7.90
CA GLY A 236 1.17 12.87 7.46
C GLY A 236 0.66 11.74 6.61
N PRO A 237 -0.64 11.78 6.27
CA PRO A 237 -1.28 10.65 5.58
C PRO A 237 -0.95 10.55 4.10
N VAL A 238 -0.08 11.41 3.57
CA VAL A 238 0.35 11.35 2.18
C VAL A 238 -0.89 11.41 1.29
N LEU A 239 -1.64 12.49 1.44
CA LEU A 239 -2.81 12.67 0.61
C LEU A 239 -2.40 12.67 -0.85
N PRO A 240 -3.14 11.97 -1.71
CA PRO A 240 -2.73 11.90 -3.12
C PRO A 240 -2.71 13.29 -3.71
N GLU A 241 -1.66 13.57 -4.45
CA GLU A 241 -1.51 14.80 -5.21
C GLU A 241 -2.15 14.60 -6.58
N GLN A 242 -2.41 15.71 -7.26
CA GLN A 242 -3.09 15.66 -8.54
C GLN A 242 -2.08 15.32 -9.64
N SER A 243 -2.43 14.37 -10.49
CA SER A 243 -1.52 14.07 -11.58
C SER A 243 -1.65 15.11 -12.69
N LYS A 244 -0.61 15.19 -13.50
CA LYS A 244 -0.69 16.06 -14.66
C LYS A 244 -1.51 15.46 -15.78
N THR A 245 -1.88 14.18 -15.68
CA THR A 245 -2.66 13.47 -16.69
C THR A 245 -4.11 13.41 -16.26
N ALA A 246 -4.99 13.94 -17.11
CA ALA A 246 -6.43 13.86 -16.89
C ALA A 246 -6.93 12.41 -16.99
N LEU A 247 -8.14 12.20 -16.46
CA LEU A 247 -8.75 10.88 -16.53
C LEU A 247 -8.97 10.48 -17.99
N ASP A 248 -8.50 9.30 -18.33
CA ASP A 248 -8.71 8.72 -19.65
C ASP A 248 -10.16 8.89 -20.11
N GLU A 249 -10.33 9.49 -21.29
CA GLU A 249 -11.67 9.81 -21.77
C GLU A 249 -12.55 8.57 -21.91
N LYS A 250 -11.95 7.41 -22.21
CA LYS A 250 -12.77 6.22 -22.37
C LYS A 250 -13.38 5.80 -21.04
N TRP A 251 -12.63 5.96 -19.94
CA TRP A 251 -13.21 5.67 -18.63
C TRP A 251 -14.13 6.80 -18.19
N GLY A 252 -13.72 8.05 -18.43
CA GLY A 252 -14.56 9.16 -18.06
C GLY A 252 -15.92 9.11 -18.71
N SER A 253 -15.96 8.77 -20.00
CA SER A 253 -17.22 8.67 -20.72
C SER A 253 -18.07 7.53 -20.18
N TRP A 254 -17.45 6.37 -19.92
CA TRP A 254 -18.20 5.21 -19.48
C TRP A 254 -18.73 5.42 -18.06
N LEU A 255 -17.87 5.88 -17.16
CA LEU A 255 -18.31 6.16 -15.80
C LEU A 255 -19.40 7.22 -15.78
N GLY A 256 -19.31 8.21 -16.68
CA GLY A 256 -20.29 9.27 -16.72
C GLY A 256 -21.68 8.83 -17.10
N GLY A 257 -21.85 7.62 -17.62
CA GLY A 257 -23.18 7.14 -17.95
C GLY A 257 -23.96 6.53 -16.81
N PHE A 258 -23.39 6.49 -15.61
CA PHE A 258 -24.06 5.89 -14.48
C PHE A 258 -24.50 6.95 -13.49
N LYS A 259 -25.61 6.67 -12.82
CA LYS A 259 -26.12 7.50 -11.74
C LYS A 259 -25.04 7.69 -10.68
N ASP A 260 -25.04 8.88 -10.08
CA ASP A 260 -24.07 9.16 -9.03
C ASP A 260 -24.17 8.15 -7.91
N GLY A 261 -23.02 7.67 -7.46
CA GLY A 261 -22.96 6.76 -6.33
C GLY A 261 -23.45 5.36 -6.60
N SER A 262 -23.68 4.98 -7.85
CA SER A 262 -24.30 3.70 -8.14
C SER A 262 -23.31 2.60 -8.49
N LEU A 263 -22.05 2.95 -8.80
CA LEU A 263 -21.10 2.01 -9.36
C LEU A 263 -20.18 1.46 -8.30
N VAL A 264 -19.90 0.17 -8.39
CA VAL A 264 -19.01 -0.52 -7.47
C VAL A 264 -17.67 -0.65 -8.17
N TYR A 265 -16.66 0.00 -7.62
CA TYR A 265 -15.31 -0.12 -8.13
C TYR A 265 -14.56 -1.15 -7.33
N CYS A 266 -13.98 -2.12 -8.00
CA CYS A 266 -13.25 -3.17 -7.31
C CYS A 266 -11.84 -3.26 -7.89
N ALA A 267 -10.83 -3.20 -7.04
CA ALA A 267 -9.47 -3.31 -7.53
C ALA A 267 -8.63 -3.88 -6.40
N LEU A 268 -7.70 -4.75 -6.76
CA LEU A 268 -6.86 -5.44 -5.77
C LEU A 268 -5.40 -5.09 -5.99
N GLY A 269 -5.15 -3.82 -6.31
CA GLY A 269 -3.79 -3.32 -6.43
C GLY A 269 -3.15 -3.75 -7.74
N SER A 270 -1.83 -3.64 -7.77
CA SER A 270 -1.04 -3.77 -8.98
C SER A 270 -0.17 -5.02 -9.01
N GLU A 271 -0.20 -5.84 -7.95
CA GLU A 271 0.72 -6.97 -7.85
C GLU A 271 0.03 -8.31 -8.03
N LEU A 272 -1.08 -8.53 -7.34
CA LEU A 272 -1.57 -9.88 -7.11
C LEU A 272 -2.51 -10.36 -8.20
N LYS A 273 -2.59 -11.70 -8.30
CA LYS A 273 -3.54 -12.41 -9.15
C LYS A 273 -4.34 -13.32 -8.23
N LEU A 274 -5.67 -13.27 -8.35
CA LEU A 274 -6.51 -14.22 -7.63
C LEU A 274 -6.38 -15.61 -8.24
N LYS A 275 -6.68 -16.64 -7.44
CA LYS A 275 -6.94 -17.94 -8.03
C LYS A 275 -8.31 -17.93 -8.70
N GLN A 276 -8.52 -18.85 -9.65
CA GLN A 276 -9.73 -18.77 -10.46
C GLN A 276 -11.00 -18.86 -9.63
N ASP A 277 -11.01 -19.73 -8.61
CA ASP A 277 -12.27 -19.94 -7.91
C ASP A 277 -12.67 -18.66 -7.20
N GLN A 278 -11.70 -17.94 -6.62
CA GLN A 278 -12.03 -16.70 -5.93
C GLN A 278 -12.26 -15.55 -6.90
N PHE A 279 -11.56 -15.55 -8.03
CA PHE A 279 -11.90 -14.66 -9.12
C PHE A 279 -13.37 -14.84 -9.53
N HIS A 280 -13.80 -16.10 -9.67
CA HIS A 280 -15.20 -16.35 -9.99
C HIS A 280 -16.13 -15.85 -8.90
N GLU A 281 -15.84 -16.21 -7.64
CA GLU A 281 -16.73 -15.81 -6.55
C GLU A 281 -16.84 -14.30 -6.45
N LEU A 282 -15.71 -13.60 -6.62
CA LEU A 282 -15.73 -12.15 -6.55
C LEU A 282 -16.63 -11.57 -7.65
N LEU A 283 -16.41 -12.01 -8.89
CA LEU A 283 -17.18 -11.45 -10.01
C LEU A 283 -18.65 -11.82 -9.92
N LEU A 284 -18.96 -13.07 -9.58
CA LEU A 284 -20.36 -13.44 -9.41
C LEU A 284 -20.99 -12.67 -8.26
N GLY A 285 -20.23 -12.41 -7.21
CA GLY A 285 -20.75 -11.61 -6.11
C GLY A 285 -21.05 -10.19 -6.53
N LEU A 286 -20.15 -9.58 -7.31
CA LEU A 286 -20.47 -8.26 -7.84
C LEU A 286 -21.71 -8.32 -8.71
N GLU A 287 -21.83 -9.37 -9.51
CA GLU A 287 -22.98 -9.46 -10.40
C GLU A 287 -24.28 -9.58 -9.61
N LEU A 288 -24.24 -10.32 -8.49
CA LEU A 288 -25.43 -10.54 -7.68
C LEU A 288 -25.99 -9.24 -7.13
N THR A 289 -25.14 -8.24 -6.90
CA THR A 289 -25.64 -6.99 -6.32
C THR A 289 -26.58 -6.27 -7.27
N GLY A 290 -26.45 -6.53 -8.57
CA GLY A 290 -27.18 -5.78 -9.56
C GLY A 290 -26.69 -4.37 -9.80
N PHE A 291 -25.62 -3.97 -9.10
CA PHE A 291 -25.07 -2.64 -9.35
C PHE A 291 -24.12 -2.68 -10.54
N PRO A 292 -23.98 -1.56 -11.26
CA PRO A 292 -22.89 -1.48 -12.23
C PRO A 292 -21.56 -1.61 -11.51
N PHE A 293 -20.57 -2.16 -12.20
CA PHE A 293 -19.30 -2.35 -11.53
C PHE A 293 -18.14 -2.24 -12.50
N LEU A 294 -17.00 -1.86 -11.95
CA LEU A 294 -15.74 -1.82 -12.67
C LEU A 294 -14.75 -2.60 -11.82
N ALA A 295 -14.33 -3.76 -12.31
CA ALA A 295 -13.41 -4.61 -11.58
C ALA A 295 -12.07 -4.63 -12.30
N ILE A 296 -11.05 -4.12 -11.62
CA ILE A 296 -9.70 -4.03 -12.16
C ILE A 296 -8.96 -5.21 -11.57
N LEU A 297 -8.78 -6.26 -12.36
CA LEU A 297 -8.24 -7.53 -11.87
C LEU A 297 -7.30 -8.10 -12.91
N LYS A 298 -6.24 -8.70 -12.46
CA LYS A 298 -5.44 -9.49 -13.38
C LYS A 298 -6.14 -10.81 -13.63
N PRO A 299 -5.95 -11.42 -14.80
CA PRO A 299 -6.50 -12.75 -15.00
C PRO A 299 -6.00 -13.69 -13.92
N PRO A 300 -6.81 -14.64 -13.48
CA PRO A 300 -6.41 -15.47 -12.34
C PRO A 300 -5.23 -16.35 -12.69
N VAL A 301 -4.69 -16.95 -11.63
CA VAL A 301 -3.55 -17.85 -11.75
C VAL A 301 -3.85 -18.91 -12.78
N GLY A 302 -2.95 -19.06 -13.75
CA GLY A 302 -3.12 -20.02 -14.81
C GLY A 302 -3.75 -19.47 -16.07
N PHE A 303 -4.30 -18.26 -16.02
CA PHE A 303 -4.99 -17.67 -17.15
C PHE A 303 -4.26 -16.41 -17.61
N GLU A 304 -4.34 -16.14 -18.91
CA GLU A 304 -3.65 -15.00 -19.51
C GLU A 304 -4.59 -13.89 -19.96
N THR A 305 -5.89 -14.17 -20.11
CA THR A 305 -6.86 -13.16 -20.44
C THR A 305 -8.02 -13.22 -19.45
N ILE A 306 -8.66 -12.06 -19.27
CA ILE A 306 -9.86 -12.02 -18.45
C ILE A 306 -10.95 -12.85 -19.11
N GLU A 307 -11.09 -12.69 -20.43
CA GLU A 307 -12.15 -13.37 -21.18
C GLU A 307 -12.15 -14.86 -20.90
N ASP A 308 -10.98 -15.49 -20.93
CA ASP A 308 -10.91 -16.93 -20.76
C ASP A 308 -11.26 -17.37 -19.35
N ALA A 309 -11.16 -16.46 -18.36
CA ALA A 309 -11.36 -16.84 -16.97
C ALA A 309 -12.74 -16.49 -16.43
N LEU A 310 -13.54 -15.74 -17.17
CA LEU A 310 -14.83 -15.28 -16.68
C LEU A 310 -15.74 -16.49 -16.45
N PRO A 311 -16.63 -16.42 -15.45
CA PRO A 311 -17.61 -17.51 -15.30
C PRO A 311 -18.49 -17.57 -16.55
N GLU A 312 -18.97 -18.77 -16.86
CA GLU A 312 -19.69 -18.96 -18.12
C GLU A 312 -20.94 -18.08 -18.18
N GLY A 313 -21.14 -17.42 -19.32
CA GLY A 313 -22.28 -16.55 -19.52
C GLY A 313 -22.17 -15.19 -18.87
N PHE A 314 -21.03 -14.88 -18.24
CA PHE A 314 -20.92 -13.67 -17.43
C PHE A 314 -21.07 -12.41 -18.29
N LYS A 315 -20.28 -12.29 -19.35
CA LYS A 315 -20.36 -11.10 -20.22
C LYS A 315 -21.76 -10.94 -20.75
N GLU A 316 -22.37 -12.03 -21.23
CA GLU A 316 -23.69 -11.94 -21.83
C GLU A 316 -24.73 -11.50 -20.82
N ARG A 317 -24.55 -11.85 -19.55
CA ARG A 317 -25.49 -11.42 -18.51
C ARG A 317 -25.21 -9.98 -18.09
N VAL A 318 -23.95 -9.66 -17.83
CA VAL A 318 -23.64 -8.36 -17.28
C VAL A 318 -23.79 -7.27 -18.34
N LYS A 319 -23.59 -7.61 -19.61
CA LYS A 319 -23.81 -6.67 -20.71
C LYS A 319 -22.97 -5.42 -20.51
N GLU A 320 -23.62 -4.25 -20.46
CA GLU A 320 -22.93 -2.98 -20.35
C GLU A 320 -22.80 -2.47 -18.91
N LYS A 321 -23.39 -3.17 -17.93
CA LYS A 321 -23.37 -2.70 -16.55
C LYS A 321 -22.05 -3.04 -15.85
N GLY A 322 -21.26 -3.94 -16.39
CA GLY A 322 -20.02 -4.29 -15.72
C GLY A 322 -18.87 -4.50 -16.67
N ILE A 323 -17.69 -4.06 -16.26
CA ILE A 323 -16.46 -4.27 -16.98
C ILE A 323 -15.48 -4.93 -16.03
N VAL A 324 -14.83 -5.98 -16.50
CA VAL A 324 -13.68 -6.56 -15.84
C VAL A 324 -12.48 -6.25 -16.72
N HIS A 325 -11.50 -5.56 -16.16
CA HIS A 325 -10.43 -4.95 -16.95
C HIS A 325 -9.10 -5.27 -16.31
N SER A 326 -8.12 -5.71 -17.11
CA SER A 326 -6.84 -6.14 -16.56
C SER A 326 -5.74 -5.07 -16.53
N GLY A 327 -5.91 -3.96 -17.20
CA GLY A 327 -4.81 -3.03 -17.35
C GLY A 327 -4.70 -2.03 -16.21
N TRP A 328 -3.55 -1.36 -16.16
CA TRP A 328 -3.35 -0.25 -15.24
C TRP A 328 -4.32 0.88 -15.56
N ILE A 329 -5.03 1.37 -14.55
CA ILE A 329 -5.93 2.48 -14.76
C ILE A 329 -5.60 3.56 -13.74
N GLN A 330 -6.18 4.74 -13.94
CA GLN A 330 -5.95 5.86 -13.03
C GLN A 330 -6.89 5.74 -11.85
N GLN A 331 -6.49 4.86 -10.91
CA GLN A 331 -7.40 4.52 -9.81
C GLN A 331 -7.79 5.75 -9.00
N GLN A 332 -6.83 6.60 -8.69
CA GLN A 332 -7.16 7.76 -7.86
C GLN A 332 -8.22 8.63 -8.52
N LEU A 333 -8.14 8.79 -9.84
CA LEU A 333 -9.13 9.59 -10.56
C LEU A 333 -10.45 8.87 -10.67
N ILE A 334 -10.44 7.54 -10.77
CA ILE A 334 -11.70 6.81 -10.79
C ILE A 334 -12.40 6.91 -9.44
N LEU A 335 -11.66 6.76 -8.34
CA LEU A 335 -12.28 6.88 -7.02
C LEU A 335 -12.86 8.27 -6.77
N GLU A 336 -12.34 9.30 -7.45
CA GLU A 336 -12.93 10.62 -7.32
C GLU A 336 -14.16 10.80 -8.19
N HIS A 337 -14.46 9.87 -9.07
CA HIS A 337 -15.56 10.07 -9.99
C HIS A 337 -16.88 9.92 -9.26
N PRO A 338 -17.87 10.78 -9.54
CA PRO A 338 -19.10 10.75 -8.74
C PRO A 338 -19.93 9.49 -8.91
N SER A 339 -19.68 8.72 -9.96
CA SER A 339 -20.40 7.48 -10.19
C SER A 339 -20.07 6.44 -9.14
N VAL A 340 -18.88 6.49 -8.54
CA VAL A 340 -18.42 5.40 -7.70
C VAL A 340 -19.11 5.51 -6.34
N GLY A 341 -19.86 4.47 -5.98
CA GLY A 341 -20.52 4.47 -4.69
C GLY A 341 -19.86 3.54 -3.70
N CYS A 342 -19.03 2.64 -4.22
CA CYS A 342 -18.48 1.56 -3.41
C CYS A 342 -17.10 1.18 -3.95
N PHE A 343 -16.15 0.98 -3.03
CA PHE A 343 -14.82 0.54 -3.37
C PHE A 343 -14.61 -0.80 -2.69
N VAL A 344 -14.52 -1.87 -3.48
CA VAL A 344 -14.11 -3.17 -2.95
C VAL A 344 -12.60 -3.23 -3.08
N THR A 345 -11.90 -3.16 -1.95
CA THR A 345 -10.46 -2.97 -1.96
C THR A 345 -9.73 -4.14 -1.35
N HIS A 346 -8.53 -4.43 -1.87
CA HIS A 346 -7.67 -5.41 -1.22
C HIS A 346 -7.00 -4.86 0.03
N CYS A 347 -7.26 -3.61 0.38
CA CYS A 347 -6.75 -2.96 1.57
C CYS A 347 -5.25 -2.70 1.52
N GLY A 348 -4.67 -2.61 0.33
CA GLY A 348 -3.35 -2.01 0.22
C GLY A 348 -3.35 -0.61 0.82
N ALA A 349 -2.22 -0.25 1.44
CA ALA A 349 -2.16 1.03 2.16
C ALA A 349 -2.47 2.22 1.26
N GLY A 350 -2.04 2.17 0.00
CA GLY A 350 -2.30 3.30 -0.88
C GLY A 350 -3.77 3.40 -1.24
N SER A 351 -4.36 2.25 -1.60
CA SER A 351 -5.77 2.19 -1.91
C SER A 351 -6.63 2.59 -0.73
N ILE A 352 -6.23 2.20 0.48
CA ILE A 352 -6.98 2.63 1.67
C ILE A 352 -7.05 4.15 1.74
N THR A 353 -5.90 4.83 1.60
CA THR A 353 -5.92 6.29 1.68
C THR A 353 -6.80 6.87 0.59
N GLU A 354 -6.70 6.30 -0.61
CA GLU A 354 -7.46 6.81 -1.74
C GLU A 354 -8.95 6.62 -1.51
N GLY A 355 -9.33 5.51 -0.88
CA GLY A 355 -10.74 5.35 -0.54
C GLY A 355 -11.16 6.30 0.57
N LEU A 356 -10.31 6.46 1.59
CA LEU A 356 -10.70 7.24 2.74
C LEU A 356 -10.98 8.68 2.38
N VAL A 357 -10.17 9.26 1.49
CA VAL A 357 -10.32 10.68 1.14
C VAL A 357 -11.44 10.91 0.15
N ASN A 358 -12.12 9.85 -0.30
CA ASN A 358 -13.24 9.99 -1.21
C ASN A 358 -14.55 9.57 -0.51
N ASN A 359 -15.64 9.59 -1.26
CA ASN A 359 -16.96 9.37 -0.69
C ASN A 359 -17.40 7.91 -0.75
N CYS A 360 -16.71 7.07 -1.50
CA CYS A 360 -17.14 5.69 -1.71
C CYS A 360 -17.26 4.92 -0.41
N GLN A 361 -18.32 4.13 -0.30
CA GLN A 361 -18.40 3.17 0.78
C GLN A 361 -17.29 2.14 0.61
N MET A 362 -16.73 1.69 1.71
CA MET A 362 -15.54 0.84 1.67
C MET A 362 -15.96 -0.60 1.94
N VAL A 363 -15.64 -1.50 1.02
CA VAL A 363 -15.81 -2.93 1.26
C VAL A 363 -14.43 -3.55 1.31
N LEU A 364 -14.14 -4.23 2.40
CA LEU A 364 -12.78 -4.68 2.67
C LEU A 364 -12.62 -6.14 2.27
N LEU A 365 -11.78 -6.37 1.28
CA LEU A 365 -11.45 -7.70 0.77
C LEU A 365 -9.94 -7.92 0.88
N PRO A 366 -9.38 -7.85 2.09
CA PRO A 366 -7.91 -7.96 2.22
C PRO A 366 -7.40 -9.24 1.61
N GLN A 367 -6.35 -9.13 0.82
CA GLN A 367 -5.68 -10.32 0.34
C GLN A 367 -4.63 -10.76 1.37
N LEU A 368 -3.96 -11.87 1.08
CA LEU A 368 -3.20 -12.57 2.12
C LEU A 368 -1.83 -11.93 2.23
N ASN A 369 -1.75 -10.93 3.09
CA ASN A 369 -0.57 -10.10 3.26
C ASN A 369 -0.82 -9.40 4.58
N GLY A 370 0.20 -9.34 5.44
CA GLY A 370 -0.01 -8.76 6.76
C GLY A 370 -0.52 -7.34 6.71
N ASP A 371 -0.02 -6.52 5.79
CA ASP A 371 -0.48 -5.15 5.82
C ASP A 371 -1.93 -5.06 5.34
N TYR A 372 -2.32 -5.87 4.34
CA TYR A 372 -3.72 -5.84 3.90
C TYR A 372 -4.64 -6.27 5.03
N ILE A 373 -4.25 -7.35 5.72
CA ILE A 373 -5.10 -7.92 6.76
C ILE A 373 -5.23 -6.96 7.91
N ILE A 374 -4.11 -6.37 8.34
CA ILE A 374 -4.16 -5.48 9.48
C ILE A 374 -4.87 -4.18 9.10
N ASN A 375 -4.63 -3.68 7.89
CA ASN A 375 -5.42 -2.53 7.43
C ASN A 375 -6.91 -2.85 7.49
N ALA A 376 -7.30 -4.05 7.05
CA ALA A 376 -8.71 -4.40 7.03
C ALA A 376 -9.30 -4.45 8.43
N ARG A 377 -8.54 -4.97 9.40
CA ARG A 377 -9.04 -5.01 10.78
C ARG A 377 -9.15 -3.60 11.35
N ILE A 378 -8.15 -2.76 11.10
CA ILE A 378 -8.25 -1.40 11.60
C ILE A 378 -9.42 -0.68 10.94
N MET A 379 -9.58 -0.85 9.63
CA MET A 379 -10.62 -0.14 8.92
C MET A 379 -12.00 -0.66 9.30
N GLY A 380 -12.11 -1.98 9.48
CA GLY A 380 -13.41 -2.57 9.75
C GLY A 380 -13.79 -2.56 11.21
N ARG A 381 -12.82 -2.68 12.12
CA ARG A 381 -13.12 -2.86 13.53
C ARG A 381 -12.73 -1.69 14.42
N HIS A 382 -11.74 -0.91 14.02
CA HIS A 382 -11.34 0.26 14.81
C HIS A 382 -11.97 1.54 14.29
N LEU A 383 -11.64 1.94 13.06
CA LEU A 383 -12.27 3.10 12.46
C LEU A 383 -13.70 2.82 12.04
N LYS A 384 -14.03 1.56 11.77
CA LYS A 384 -15.34 1.14 11.34
C LYS A 384 -15.83 1.97 10.16
N VAL A 385 -14.95 2.07 9.15
CA VAL A 385 -15.26 2.81 7.91
C VAL A 385 -15.58 1.89 6.76
N GLY A 386 -15.55 0.58 6.98
CA GLY A 386 -15.84 -0.37 5.93
C GLY A 386 -16.37 -1.64 6.52
N VAL A 387 -16.92 -2.46 5.63
CA VAL A 387 -17.47 -3.77 5.93
C VAL A 387 -16.55 -4.80 5.30
N GLU A 388 -16.09 -5.76 6.09
CA GLU A 388 -15.16 -6.76 5.60
C GLU A 388 -15.94 -7.97 5.10
N VAL A 389 -15.55 -8.47 3.94
CA VAL A 389 -16.09 -9.71 3.41
C VAL A 389 -15.60 -10.87 4.26
N LYS A 390 -16.53 -11.74 4.65
CA LYS A 390 -16.21 -12.89 5.49
C LYS A 390 -15.41 -13.93 4.70
N LYS A 391 -14.31 -14.41 5.30
CA LYS A 391 -13.46 -15.48 4.79
C LYS A 391 -13.59 -16.69 5.71
N GLY A 392 -13.43 -17.88 5.15
CA GLY A 392 -13.38 -19.07 5.98
C GLY A 392 -12.23 -19.01 6.98
N GLU A 393 -12.49 -19.45 8.21
CA GLU A 393 -11.49 -19.31 9.27
C GLU A 393 -10.18 -20.00 8.92
N GLU A 394 -10.26 -21.22 8.36
CA GLU A 394 -9.09 -22.02 8.05
C GLU A 394 -8.68 -21.94 6.60
N ASP A 395 -9.65 -21.78 5.66
CA ASP A 395 -9.30 -21.83 4.24
C ASP A 395 -9.08 -20.45 3.63
N GLY A 396 -9.45 -19.37 4.32
CA GLY A 396 -9.23 -18.02 3.81
C GLY A 396 -9.98 -17.69 2.55
N LEU A 397 -11.04 -18.43 2.25
CA LEU A 397 -11.80 -18.25 1.02
C LEU A 397 -13.12 -17.55 1.32
N PHE A 398 -13.61 -16.78 0.35
CA PHE A 398 -14.93 -16.17 0.48
C PHE A 398 -15.90 -16.75 -0.54
N THR A 399 -17.16 -16.60 -0.24
CA THR A 399 -18.24 -16.94 -1.16
C THR A 399 -18.70 -15.72 -1.92
N LYS A 400 -19.29 -15.98 -3.09
CA LYS A 400 -19.94 -14.90 -3.82
C LYS A 400 -21.02 -14.24 -2.96
N GLU A 401 -21.70 -15.02 -2.12
CA GLU A 401 -22.74 -14.43 -1.28
C GLU A 401 -22.16 -13.48 -0.24
N SER A 402 -20.96 -13.77 0.27
CA SER A 402 -20.34 -12.87 1.24
C SER A 402 -19.92 -11.57 0.58
N VAL A 403 -19.48 -11.64 -0.68
CA VAL A 403 -19.16 -10.42 -1.43
C VAL A 403 -20.41 -9.60 -1.64
N TYR A 404 -21.44 -10.25 -2.18
CA TYR A 404 -22.75 -9.64 -2.37
C TYR A 404 -23.25 -8.97 -1.11
N GLU A 405 -23.20 -9.68 0.01
CA GLU A 405 -23.81 -9.14 1.21
C GLU A 405 -23.08 -7.91 1.69
N ALA A 406 -21.76 -7.88 1.57
CA ALA A 406 -21.02 -6.71 2.05
C ALA A 406 -21.30 -5.50 1.19
N VAL A 407 -21.35 -5.69 -0.13
CA VAL A 407 -21.65 -4.56 -1.01
C VAL A 407 -23.09 -4.12 -0.80
N LYS A 408 -24.01 -5.07 -0.69
CA LYS A 408 -25.41 -4.72 -0.47
C LYS A 408 -25.58 -3.90 0.80
N ILE A 409 -24.89 -4.29 1.87
CA ILE A 409 -24.99 -3.61 3.17
C ILE A 409 -24.57 -2.16 3.03
N VAL A 410 -23.42 -1.91 2.41
CA VAL A 410 -22.96 -0.53 2.39
C VAL A 410 -23.66 0.31 1.33
N MET A 411 -24.27 -0.31 0.32
CA MET A 411 -24.92 0.46 -0.72
C MET A 411 -26.39 0.72 -0.42
N ASP A 412 -26.92 0.08 0.62
CA ASP A 412 -28.30 0.23 1.05
C ASP A 412 -28.43 1.45 1.95
N ASP A 413 -29.02 2.53 1.44
CA ASP A 413 -29.26 3.75 2.21
C ASP A 413 -29.96 3.48 3.53
N GLU A 414 -30.78 2.44 3.59
CA GLU A 414 -31.59 2.14 4.75
C GLU A 414 -30.95 1.12 5.67
N ASN A 415 -29.76 0.64 5.36
CA ASN A 415 -29.08 -0.33 6.20
C ASN A 415 -28.27 0.38 7.26
N GLU A 416 -28.51 0.02 8.53
CA GLU A 416 -27.92 0.80 9.61
C GLU A 416 -26.41 0.63 9.66
N ILE A 417 -25.91 -0.56 9.32
CA ILE A 417 -24.47 -0.76 9.27
C ILE A 417 -23.86 0.07 8.15
N GLY A 418 -24.50 0.08 6.97
CA GLY A 418 -24.02 0.93 5.89
C GLY A 418 -24.04 2.40 6.27
N ARG A 419 -25.08 2.84 6.97
CA ARG A 419 -25.12 4.23 7.39
C ARG A 419 -24.02 4.52 8.41
N GLU A 420 -23.74 3.54 9.27
CA GLU A 420 -22.69 3.70 10.27
C GLU A 420 -21.32 3.86 9.61
N VAL A 421 -21.01 2.98 8.65
CA VAL A 421 -19.67 3.06 8.07
C VAL A 421 -19.58 4.31 7.20
N ARG A 422 -20.69 4.75 6.62
CA ARG A 422 -20.64 6.01 5.88
C ARG A 422 -20.32 7.16 6.83
N SER A 423 -21.02 7.20 7.96
CA SER A 423 -20.79 8.26 8.94
C SER A 423 -19.37 8.22 9.47
N ASN A 424 -18.85 7.03 9.78
CA ASN A 424 -17.49 6.94 10.29
C ASN A 424 -16.47 7.30 9.22
N HIS A 425 -16.70 6.84 7.98
CA HIS A 425 -15.84 7.25 6.88
C HIS A 425 -15.83 8.76 6.72
N THR A 426 -17.00 9.39 6.80
CA THR A 426 -17.04 10.83 6.72
C THR A 426 -16.21 11.48 7.84
N LYS A 427 -16.32 10.96 9.06
CA LYS A 427 -15.49 11.50 10.14
C LYS A 427 -14.01 11.37 9.84
N VAL A 428 -13.60 10.22 9.29
CA VAL A 428 -12.18 10.01 8.99
C VAL A 428 -11.74 10.86 7.80
N ARG A 429 -12.59 10.95 6.76
CA ARG A 429 -12.27 11.83 5.65
C ARG A 429 -12.13 13.27 6.10
N ASN A 430 -13.03 13.73 6.96
CA ASN A 430 -12.96 15.11 7.44
C ASN A 430 -11.69 15.36 8.24
N LEU A 431 -11.25 14.37 9.01
CA LEU A 431 -9.96 14.48 9.67
C LEU A 431 -8.82 14.55 8.67
N LEU A 432 -8.72 13.56 7.78
CA LEU A 432 -7.58 13.49 6.88
C LEU A 432 -7.49 14.73 6.00
N LEU A 433 -8.63 15.29 5.57
CA LEU A 433 -8.63 16.47 4.71
C LEU A 433 -8.72 17.76 5.49
N ARG A 434 -8.75 17.70 6.82
CA ARG A 434 -8.83 18.94 7.60
C ARG A 434 -7.75 19.91 7.13
N HIS A 435 -8.09 21.20 7.09
CA HIS A 435 -7.22 22.14 6.41
C HIS A 435 -5.80 22.15 6.98
N ASP A 436 -5.65 21.83 8.27
CA ASP A 436 -4.33 21.90 8.89
C ASP A 436 -3.78 20.55 9.27
N LEU A 437 -4.44 19.45 8.90
CA LEU A 437 -4.00 18.13 9.35
C LEU A 437 -2.71 17.75 8.64
N GLU A 438 -2.74 17.60 7.32
CA GLU A 438 -1.52 17.20 6.64
C GLU A 438 -0.43 18.24 6.81
N SER A 439 -0.78 19.52 6.74
CA SER A 439 0.25 20.55 6.83
C SER A 439 0.93 20.53 8.19
N SER A 440 0.15 20.34 9.28
CA SER A 440 0.76 20.27 10.59
C SER A 440 1.57 19.00 10.78
N CYS A 441 1.14 17.90 10.17
CA CYS A 441 1.98 16.71 10.17
C CYS A 441 3.30 16.99 9.48
N LEU A 442 3.24 17.61 8.31
CA LEU A 442 4.46 17.91 7.58
C LEU A 442 5.30 18.94 8.32
N ASP A 443 4.67 19.88 9.03
CA ASP A 443 5.46 20.82 9.81
C ASP A 443 6.33 20.05 10.80
N THR A 444 5.70 19.17 11.58
CA THR A 444 6.42 18.38 12.56
C THR A 444 7.43 17.46 11.89
N PHE A 445 7.02 16.80 10.82
CA PHE A 445 7.89 15.89 10.08
C PHE A 445 9.17 16.60 9.68
N CYS A 446 9.03 17.76 9.05
CA CYS A 446 10.20 18.49 8.59
C CYS A 446 11.03 19.00 9.75
N GLU A 447 10.40 19.45 10.86
CA GLU A 447 11.21 19.86 12.01
C GLU A 447 12.03 18.70 12.53
N LYS A 448 11.44 17.51 12.57
CA LYS A 448 12.18 16.36 13.08
C LYS A 448 13.23 15.88 12.11
N LEU A 449 13.00 16.04 10.81
CA LEU A 449 14.06 15.76 9.85
C LEU A 449 15.21 16.74 10.03
N GLN A 450 14.90 18.01 10.27
CA GLN A 450 15.95 18.98 10.55
C GLN A 450 16.73 18.58 11.78
N GLU A 451 16.03 18.11 12.83
CA GLU A 451 16.72 17.62 14.03
C GLU A 451 17.62 16.46 13.69
N LEU A 452 17.16 15.55 12.82
CA LEU A 452 17.94 14.39 12.43
C LEU A 452 19.27 14.77 11.79
N VAL A 453 19.29 15.86 11.00
CA VAL A 453 20.52 16.27 10.34
C VAL A 453 21.30 17.33 11.13
N SER A 454 20.81 17.71 12.30
CA SER A 454 21.55 18.64 13.16
C SER A 454 22.66 17.91 13.92
#